data_8GLI
#
_entry.id   8GLI
#
_cell.length_a   57.234
_cell.length_b   76.601
_cell.length_c   92.444
_cell.angle_alpha   90.00
_cell.angle_beta   90.00
_cell.angle_gamma   90.00
#
_symmetry.space_group_name_H-M   'P 21 21 21'
#
loop_
_entity.id
_entity.type
_entity.pdbx_description
1 polymer 'T-cell surface glycoprotein CD1b'
2 polymer Beta-2-microglobulin
3 branched alpha-D-mannopyranose-(1-3)-[alpha-D-mannopyranose-(1-6)]beta-D-mannopyranose-(1-4)-2-acetamido-2-deoxy-beta-D-glucopyranose-(1-4)-[alpha-L-fucopyranose-(1-3)][alpha-L-fucopyranose-(1-6)]2-acetamido-2-deoxy-beta-D-glucopyranose
4 non-polymer 6-O-[(2R,3R)-3-hydroxy-20-{(1R,2S)-2-[(17R,18R)-17-methoxy-18-methyldotriacontyl]cyclopropyl}-2-pentadecylicosanoyl]-alpha-L-galactopyranose
5 non-polymer 2-acetamido-2-deoxy-beta-D-glucopyranose
6 non-polymer 'CHLORIDE ION'
7 non-polymer 'IODIDE ION'
8 water water
#
loop_
_entity_poly.entity_id
_entity_poly.type
_entity_poly.pdbx_seq_one_letter_code
_entity_poly.pdbx_strand_id
1 'polypeptide(L)'
;HAFQGPTSFHVIQTSSFTNSTWAQTQGSGWLDDLQIHGWDSDSGTAIFLKPWSKGNFSDKEVAELEEIFRVYIFGFAREV
QDFAGDFQMKYPFEIQGIAGCELHSGGAIVSFLRGALGGLDFLSVKNASCVPSPEGGSRAQKFCALIIQYQGIMETVRIL
LYETCPRYLLGVLNAGKADLQRQVKPEAWLSSGPSPGPGRLQLVCHVSGFYPKPVWVMWMRGEQEQQGTQLGDILPNANW
TWYLRATLDVADGEAAGLSCRVKHSSLEGQDIILYWRGSGLNDIFEAQKIEWHEHHHHHH
;
A
2 'polypeptide(L)'
;PKIQRTPKIQVYSRHPAENGKSNFLNCYVSGFHPSDIEVDLLKNGERIEKVEHSDLSFSKDWSFYLLYYTEFTPTEKDEY
ACRVNHVTLSQPKIVKWDRDM
;
B
#
# COMPACT_ATOMS: atom_id res chain seq x y z
N PHE A 3 -1.86 18.30 9.32
CA PHE A 3 -3.30 18.13 9.50
C PHE A 3 -3.73 16.66 9.42
N GLN A 4 -5.01 16.42 9.14
CA GLN A 4 -5.59 15.09 9.29
C GLN A 4 -5.16 14.11 8.20
N GLY A 5 -5.59 14.37 6.97
CA GLY A 5 -5.40 13.43 5.90
C GLY A 5 -4.02 13.48 5.28
N PRO A 6 -3.92 13.00 4.04
CA PRO A 6 -2.60 12.77 3.44
C PRO A 6 -1.86 14.07 3.18
N THR A 7 -0.53 13.98 3.17
CA THR A 7 0.34 15.12 2.98
C THR A 7 1.23 15.04 1.75
N SER A 8 1.20 13.93 1.02
CA SER A 8 2.14 13.65 -0.05
C SER A 8 1.37 13.33 -1.33
N PHE A 9 1.82 13.85 -2.46
CA PHE A 9 1.36 13.36 -3.76
C PHE A 9 2.51 12.67 -4.47
N HIS A 10 2.24 11.50 -5.06
CA HIS A 10 3.30 10.88 -5.83
C HIS A 10 2.72 9.97 -6.91
N VAL A 11 3.48 9.84 -8.01
CA VAL A 11 3.19 8.90 -9.09
C VAL A 11 4.16 7.74 -8.94
N ILE A 12 3.69 6.53 -9.21
CA ILE A 12 4.56 5.37 -9.21
C ILE A 12 4.49 4.69 -10.58
N GLN A 13 5.60 4.05 -10.93
CA GLN A 13 5.79 3.31 -12.18
C GLN A 13 6.30 1.91 -11.86
N THR A 14 5.74 0.90 -12.53
CA THR A 14 6.26 -0.47 -12.52
C THR A 14 6.39 -0.91 -13.97
N SER A 15 7.61 -1.18 -14.43
CA SER A 15 7.85 -1.57 -15.82
C SER A 15 8.52 -2.94 -15.84
N SER A 16 7.87 -3.91 -16.48
CA SER A 16 8.35 -5.29 -16.54
C SER A 16 8.83 -5.58 -17.96
N PHE A 17 10.02 -6.13 -18.08
CA PHE A 17 10.63 -6.40 -19.38
C PHE A 17 10.78 -7.91 -19.50
N THR A 18 9.93 -8.52 -20.33
CA THR A 18 9.94 -9.98 -20.40
C THR A 18 11.05 -10.48 -21.30
N ASN A 19 11.28 -9.81 -22.42
CA ASN A 19 12.28 -10.20 -23.41
C ASN A 19 12.56 -8.97 -24.25
N SER A 20 13.34 -9.14 -25.32
CA SER A 20 13.90 -7.99 -26.03
C SER A 20 12.84 -7.16 -26.75
N THR A 21 11.63 -7.69 -26.92
CA THR A 21 10.61 -6.95 -27.67
C THR A 21 9.35 -6.64 -26.86
N TRP A 22 9.19 -7.21 -25.67
CA TRP A 22 7.94 -7.11 -24.94
C TRP A 22 8.18 -6.47 -23.57
N ALA A 23 7.54 -5.34 -23.33
CA ALA A 23 7.58 -4.69 -22.03
C ALA A 23 6.21 -4.11 -21.71
N GLN A 24 5.84 -4.13 -20.43
CA GLN A 24 4.57 -3.60 -19.98
C GLN A 24 4.80 -2.70 -18.77
N THR A 25 4.06 -1.59 -18.73
CA THR A 25 4.22 -0.59 -17.68
C THR A 25 2.87 -0.31 -17.04
N GLN A 26 2.83 -0.35 -15.72
CA GLN A 26 1.67 0.08 -14.96
C GLN A 26 2.05 1.33 -14.17
N GLY A 27 1.07 2.18 -13.93
CA GLY A 27 1.33 3.44 -13.26
C GLY A 27 0.09 3.93 -12.54
N SER A 28 0.31 4.81 -11.57
CA SER A 28 -0.81 5.34 -10.78
C SER A 28 -0.33 6.54 -9.96
N GLY A 29 -1.29 7.30 -9.46
CA GLY A 29 -1.02 8.49 -8.68
C GLY A 29 -1.76 8.38 -7.36
N TRP A 30 -1.15 8.91 -6.31
CA TRP A 30 -1.54 8.61 -4.94
C TRP A 30 -1.39 9.84 -4.04
N LEU A 31 -2.30 9.96 -3.07
CA LEU A 31 -2.11 10.84 -1.90
C LEU A 31 -1.85 9.93 -0.71
N ASP A 32 -0.64 10.02 -0.14
CA ASP A 32 -0.11 8.97 0.74
C ASP A 32 -0.44 7.59 0.15
N ASP A 33 -1.24 6.77 0.83
CA ASP A 33 -1.62 5.47 0.31
C ASP A 33 -3.04 5.44 -0.26
N LEU A 34 -3.58 6.61 -0.60
CA LEU A 34 -4.90 6.73 -1.22
C LEU A 34 -4.72 6.90 -2.73
N GLN A 35 -5.27 5.98 -3.52
CA GLN A 35 -5.08 6.12 -4.96
C GLN A 35 -6.07 7.13 -5.54
N ILE A 36 -5.56 8.14 -6.26
CA ILE A 36 -6.42 9.10 -6.93
C ILE A 36 -6.30 9.09 -8.44
N HIS A 37 -5.26 8.48 -9.02
CA HIS A 37 -5.18 8.33 -10.47
C HIS A 37 -4.81 6.90 -10.83
N GLY A 38 -5.38 6.43 -11.94
CA GLY A 38 -4.87 5.24 -12.59
C GLY A 38 -4.21 5.63 -13.90
N TRP A 39 -3.37 4.77 -14.44
CA TRP A 39 -2.88 4.91 -15.80
C TRP A 39 -3.50 3.81 -16.65
N ASP A 40 -4.11 4.20 -17.75
CA ASP A 40 -4.76 3.25 -18.66
C ASP A 40 -3.83 3.02 -19.85
N SER A 41 -3.21 1.84 -19.89
CA SER A 41 -2.37 1.49 -21.02
C SER A 41 -3.19 1.23 -22.30
N ASP A 42 -4.49 0.97 -22.19
CA ASP A 42 -5.36 0.91 -23.38
C ASP A 42 -5.27 2.19 -24.20
N SER A 43 -5.20 3.34 -23.52
CA SER A 43 -5.33 4.63 -24.15
C SER A 43 -4.14 5.56 -23.97
N GLY A 44 -3.18 5.22 -23.11
CA GLY A 44 -2.16 6.21 -22.76
C GLY A 44 -2.72 7.49 -22.19
N THR A 45 -3.73 7.40 -21.31
CA THR A 45 -4.25 8.56 -20.60
C THR A 45 -4.47 8.18 -19.16
N ALA A 46 -4.80 9.17 -18.33
CA ALA A 46 -4.97 8.94 -16.89
C ALA A 46 -6.43 8.72 -16.55
N ILE A 47 -6.67 7.84 -15.59
CA ILE A 47 -7.98 7.59 -15.05
C ILE A 47 -8.09 8.35 -13.75
N PHE A 48 -9.02 9.30 -13.71
CA PHE A 48 -9.25 10.11 -12.53
C PHE A 48 -10.27 9.40 -11.63
N LEU A 49 -9.81 8.98 -10.46
CA LEU A 49 -10.61 8.11 -9.61
C LEU A 49 -11.56 8.90 -8.71
N LYS A 50 -11.36 10.19 -8.54
CA LYS A 50 -12.24 11.02 -7.74
C LYS A 50 -12.64 12.25 -8.54
N PRO A 51 -13.83 12.81 -8.31
CA PRO A 51 -14.23 14.02 -9.06
C PRO A 51 -13.22 15.14 -8.96
N TRP A 52 -12.47 15.21 -7.86
CA TRP A 52 -11.55 16.29 -7.57
C TRP A 52 -10.11 15.98 -7.97
N SER A 53 -9.86 14.81 -8.58
CA SER A 53 -8.50 14.32 -8.85
C SER A 53 -7.66 15.23 -9.75
N LYS A 54 -8.24 16.21 -10.42
CA LYS A 54 -7.45 17.15 -11.21
C LYS A 54 -6.99 18.35 -10.38
N GLY A 55 -7.42 18.45 -9.14
CA GLY A 55 -6.98 19.56 -8.30
C GLY A 55 -7.49 20.86 -8.87
N ASN A 56 -6.61 21.86 -8.89
CA ASN A 56 -6.93 23.16 -9.47
C ASN A 56 -6.32 23.32 -10.85
N PHE A 57 -5.88 22.22 -11.48
CA PHE A 57 -5.26 22.31 -12.79
C PHE A 57 -6.32 22.39 -13.88
N SER A 58 -6.04 23.18 -14.92
CA SER A 58 -6.94 23.21 -16.07
C SER A 58 -6.81 21.94 -16.88
N ASP A 59 -7.86 21.65 -17.66
CA ASP A 59 -7.81 20.51 -18.56
C ASP A 59 -6.62 20.60 -19.52
N LYS A 60 -6.24 21.81 -19.94
CA LYS A 60 -5.07 21.96 -20.81
C LYS A 60 -3.81 21.43 -20.14
N GLU A 61 -3.55 21.87 -18.91
CA GLU A 61 -2.35 21.41 -18.20
C GLU A 61 -2.40 19.92 -17.87
N VAL A 62 -3.57 19.40 -17.52
CA VAL A 62 -3.73 17.96 -17.34
C VAL A 62 -3.39 17.21 -18.62
N ALA A 63 -3.96 17.65 -19.75
CA ALA A 63 -3.66 17.04 -21.03
C ALA A 63 -2.18 17.08 -21.36
N GLU A 64 -1.51 18.20 -21.06
CA GLU A 64 -0.07 18.26 -21.29
C GLU A 64 0.67 17.25 -20.42
N LEU A 65 0.28 17.13 -19.15
CA LEU A 65 0.94 16.18 -18.26
C LEU A 65 0.70 14.76 -18.72
N GLU A 66 -0.54 14.44 -19.09
CA GLU A 66 -0.82 13.12 -19.66
C GLU A 66 0.06 12.83 -20.86
N GLU A 67 0.21 13.82 -21.74
CA GLU A 67 1.08 13.65 -22.90
C GLU A 67 2.51 13.36 -22.48
N ILE A 68 3.03 14.14 -21.52
CA ILE A 68 4.39 13.94 -21.01
C ILE A 68 4.54 12.55 -20.43
N PHE A 69 3.53 12.09 -19.69
CA PHE A 69 3.61 10.75 -19.11
C PHE A 69 3.51 9.67 -20.19
N ARG A 70 2.58 9.85 -21.13
CA ARG A 70 2.44 8.90 -22.22
C ARG A 70 3.73 8.77 -23.03
N VAL A 71 4.32 9.90 -23.40
CA VAL A 71 5.58 9.88 -24.12
C VAL A 71 6.68 9.25 -23.27
N TYR A 72 6.76 9.64 -21.99
CA TYR A 72 7.81 9.07 -21.13
C TYR A 72 7.69 7.56 -21.04
N ILE A 73 6.48 7.04 -20.84
CA ILE A 73 6.31 5.62 -20.59
C ILE A 73 6.69 4.81 -21.82
N PHE A 74 6.25 5.27 -23.00
CA PHE A 74 6.59 4.60 -24.25
C PHE A 74 8.10 4.71 -24.54
N GLY A 75 8.66 5.90 -24.36
CA GLY A 75 10.06 6.07 -24.68
C GLY A 75 11.01 5.42 -23.69
N PHE A 76 10.61 5.33 -22.41
CA PHE A 76 11.46 4.69 -21.41
C PHE A 76 11.74 3.25 -21.78
N ALA A 77 10.68 2.51 -22.07
CA ALA A 77 10.82 1.09 -22.41
C ALA A 77 11.64 0.90 -23.68
N ARG A 78 11.37 1.70 -24.71
CA ARG A 78 12.16 1.67 -25.93
C ARG A 78 13.65 1.83 -25.62
N GLU A 79 14.00 2.91 -24.94
CA GLU A 79 15.41 3.22 -24.66
C GLU A 79 16.06 2.14 -23.80
N VAL A 80 15.32 1.60 -22.82
CA VAL A 80 15.83 0.51 -21.99
C VAL A 80 16.16 -0.72 -22.84
N GLN A 81 15.19 -1.15 -23.65
CA GLN A 81 15.44 -2.22 -24.63
C GLN A 81 16.68 -1.96 -25.47
N ASP A 82 16.83 -0.74 -26.01
CA ASP A 82 17.98 -0.44 -26.85
C ASP A 82 19.29 -0.57 -26.09
N PHE A 83 19.31 -0.22 -24.80
CA PHE A 83 20.57 -0.25 -24.04
C PHE A 83 20.76 -1.53 -23.23
N ALA A 84 19.83 -2.49 -23.33
CA ALA A 84 19.86 -3.65 -22.46
C ALA A 84 21.15 -4.45 -22.62
N GLY A 85 21.67 -4.52 -23.84
CA GLY A 85 22.94 -5.20 -24.04
C GLY A 85 24.11 -4.46 -23.41
N ASP A 86 24.23 -3.16 -23.71
CA ASP A 86 25.28 -2.32 -23.18
C ASP A 86 25.37 -2.37 -21.66
N PHE A 87 24.24 -2.60 -20.98
CA PHE A 87 24.18 -2.62 -19.53
C PHE A 87 24.21 -4.04 -18.98
N GLN A 88 24.44 -5.02 -19.84
CA GLN A 88 24.52 -6.45 -19.48
C GLN A 88 23.31 -6.88 -18.66
N MET A 89 22.12 -6.57 -19.19
CA MET A 89 20.86 -6.94 -18.56
C MET A 89 20.39 -8.30 -19.02
N LYS A 90 19.95 -9.13 -18.08
CA LYS A 90 19.34 -10.41 -18.41
C LYS A 90 17.84 -10.30 -18.23
N TYR A 91 17.10 -10.68 -19.28
CA TYR A 91 15.67 -10.74 -19.15
C TYR A 91 15.26 -11.96 -18.33
N PRO A 92 14.11 -11.90 -17.64
CA PRO A 92 13.27 -10.73 -17.43
C PRO A 92 13.82 -9.86 -16.30
N PHE A 93 13.46 -8.59 -16.28
CA PHE A 93 13.80 -7.73 -15.17
C PHE A 93 12.67 -6.70 -15.02
N GLU A 94 12.68 -6.01 -13.89
CA GLU A 94 11.57 -5.16 -13.52
C GLU A 94 12.11 -3.89 -12.89
N ILE A 95 11.58 -2.75 -13.34
CA ILE A 95 12.06 -1.45 -12.93
C ILE A 95 10.91 -0.74 -12.23
N GLN A 96 11.21 -0.08 -11.12
CA GLN A 96 10.21 0.71 -10.42
C GLN A 96 10.71 2.13 -10.25
N GLY A 97 9.76 3.04 -10.15
CA GLY A 97 10.07 4.43 -9.86
C GLY A 97 8.92 5.05 -9.11
N ILE A 98 9.25 6.08 -8.34
CA ILE A 98 8.27 6.89 -7.62
C ILE A 98 8.79 8.32 -7.66
N ALA A 99 7.89 9.27 -7.84
CA ALA A 99 8.25 10.67 -7.86
C ALA A 99 7.08 11.49 -7.36
N GLY A 100 7.37 12.49 -6.53
CA GLY A 100 6.35 13.41 -6.08
C GLY A 100 6.87 14.41 -5.06
N CYS A 101 5.98 14.90 -4.21
CA CYS A 101 6.39 15.90 -3.25
C CYS A 101 5.49 15.76 -2.01
N GLU A 102 5.97 16.24 -0.87
CA GLU A 102 5.25 16.06 0.38
C GLU A 102 5.27 17.35 1.19
N LEU A 103 4.11 17.69 1.73
CA LEU A 103 3.96 18.88 2.56
C LEU A 103 4.34 18.56 4.01
N HIS A 104 5.26 19.33 4.58
CA HIS A 104 5.73 19.06 5.94
C HIS A 104 5.16 20.05 6.94
N SER A 105 5.29 19.69 8.22
CA SER A 105 4.92 20.62 9.28
C SER A 105 5.77 21.87 9.15
N GLY A 106 5.13 23.01 9.25
CA GLY A 106 5.81 24.25 8.93
C GLY A 106 5.65 24.72 7.49
N GLY A 107 5.11 23.90 6.59
CA GLY A 107 4.71 24.35 5.27
C GLY A 107 5.66 24.05 4.13
N ALA A 108 6.90 23.66 4.40
CA ALA A 108 7.83 23.37 3.32
C ALA A 108 7.36 22.14 2.55
N ILE A 109 7.55 22.15 1.25
CA ILE A 109 7.20 21.01 0.41
C ILE A 109 8.49 20.43 -0.15
N VAL A 110 8.77 19.18 0.18
CA VAL A 110 9.98 18.48 -0.25
C VAL A 110 9.61 17.54 -1.40
N SER A 111 10.43 17.51 -2.43
CA SER A 111 10.20 16.67 -3.60
C SER A 111 11.21 15.53 -3.64
N PHE A 112 10.86 14.48 -4.38
CA PHE A 112 11.69 13.27 -4.44
C PHE A 112 11.46 12.54 -5.75
N LEU A 113 12.47 11.77 -6.14
CA LEU A 113 12.36 10.83 -7.25
C LEU A 113 13.31 9.69 -6.95
N ARG A 114 12.82 8.45 -7.05
CA ARG A 114 13.63 7.30 -6.73
C ARG A 114 13.32 6.20 -7.74
N GLY A 115 14.33 5.43 -8.09
CA GLY A 115 14.18 4.36 -9.06
C GLY A 115 14.82 3.09 -8.54
N ALA A 116 14.24 1.95 -8.95
CA ALA A 116 14.75 0.66 -8.53
C ALA A 116 14.89 -0.29 -9.73
N LEU A 117 15.84 -1.21 -9.61
CA LEU A 117 16.02 -2.32 -10.55
C LEU A 117 16.06 -3.63 -9.78
N GLY A 118 15.23 -4.59 -10.16
CA GLY A 118 15.23 -5.88 -9.45
C GLY A 118 14.82 -5.80 -7.99
N GLY A 119 14.01 -4.80 -7.63
CA GLY A 119 13.61 -4.65 -6.25
C GLY A 119 14.63 -3.98 -5.35
N LEU A 120 15.75 -3.55 -5.90
CA LEU A 120 16.79 -2.90 -5.12
C LEU A 120 16.96 -1.47 -5.60
N ASP A 121 17.31 -0.58 -4.67
CA ASP A 121 17.58 0.83 -4.99
C ASP A 121 18.56 0.94 -6.14
N PHE A 122 18.33 1.92 -7.00
CA PHE A 122 19.13 2.07 -8.21
C PHE A 122 19.58 3.51 -8.35
N LEU A 123 18.65 4.46 -8.25
CA LEU A 123 19.03 5.85 -8.36
C LEU A 123 18.05 6.71 -7.58
N SER A 124 18.45 7.96 -7.37
CA SER A 124 17.54 9.00 -6.95
C SER A 124 17.91 10.29 -7.67
N VAL A 125 17.06 11.30 -7.56
CA VAL A 125 17.36 12.63 -8.09
C VAL A 125 17.49 13.61 -6.92
N LYS A 126 18.54 14.42 -6.94
CA LYS A 126 18.63 15.62 -6.11
C LYS A 126 18.84 16.80 -7.06
N ASN A 127 17.78 17.59 -7.29
CA ASN A 127 17.87 18.88 -7.97
C ASN A 127 18.45 18.78 -9.38
N ALA A 128 17.73 18.07 -10.25
CA ALA A 128 18.17 17.80 -11.62
C ALA A 128 19.50 17.07 -11.69
N SER A 129 20.01 16.55 -10.57
CA SER A 129 21.19 15.68 -10.57
CA SER A 129 21.19 15.68 -10.58
C SER A 129 20.74 14.24 -10.33
N CYS A 130 21.22 13.33 -11.18
CA CYS A 130 21.01 11.91 -11.03
C CYS A 130 22.03 11.34 -10.05
N VAL A 131 21.56 10.78 -8.95
CA VAL A 131 22.44 10.22 -7.91
C VAL A 131 22.37 8.70 -7.99
N PRO A 132 23.42 8.01 -8.42
CA PRO A 132 23.37 6.56 -8.46
C PRO A 132 23.42 5.99 -7.05
N SER A 133 22.57 5.04 -6.80
CA SER A 133 22.59 4.37 -5.52
C SER A 133 23.69 3.30 -5.52
N PRO A 134 24.35 3.09 -4.37
CA PRO A 134 25.39 2.05 -4.29
C PRO A 134 24.88 0.66 -4.59
N GLU A 135 23.62 0.34 -4.24
CA GLU A 135 23.08 -0.96 -4.60
C GLU A 135 23.01 -1.14 -6.11
N GLY A 136 22.91 -0.06 -6.89
CA GLY A 136 22.84 -0.20 -8.33
C GLY A 136 24.17 -0.46 -9.01
N GLY A 137 25.27 -0.36 -8.27
CA GLY A 137 26.59 -0.67 -8.78
C GLY A 137 26.98 0.19 -9.97
N SER A 138 27.80 -0.40 -10.84
CA SER A 138 28.30 0.37 -11.98
C SER A 138 27.22 0.61 -13.01
N ARG A 139 26.22 -0.28 -13.11
CA ARG A 139 25.10 -0.01 -14.00
C ARG A 139 24.47 1.34 -13.66
N ALA A 140 24.23 1.59 -12.37
CA ALA A 140 23.60 2.85 -11.99
C ALA A 140 24.51 4.04 -12.25
N GLN A 141 25.81 3.86 -12.08
CA GLN A 141 26.74 4.95 -12.41
C GLN A 141 26.72 5.23 -13.90
N LYS A 142 26.72 4.18 -14.70
CA LYS A 142 26.63 4.31 -16.14
C LYS A 142 25.31 4.92 -16.55
N PHE A 143 24.21 4.52 -15.90
CA PHE A 143 22.89 5.09 -16.24
C PHE A 143 22.85 6.59 -15.99
N CYS A 144 23.30 7.03 -14.81
CA CYS A 144 23.24 8.47 -14.51
C CYS A 144 24.15 9.26 -15.44
N ALA A 145 25.28 8.68 -15.86
CA ALA A 145 26.14 9.36 -16.84
C ALA A 145 25.48 9.43 -18.21
N LEU A 146 24.68 8.44 -18.57
CA LEU A 146 23.98 8.47 -19.85
C LEU A 146 22.85 9.49 -19.84
N ILE A 147 22.01 9.45 -18.79
CA ILE A 147 20.75 10.19 -18.80
C ILE A 147 21.01 11.69 -18.93
N ILE A 148 22.08 12.19 -18.32
CA ILE A 148 22.37 13.61 -18.40
C ILE A 148 22.62 14.08 -19.83
N GLN A 149 22.80 13.15 -20.77
CA GLN A 149 23.04 13.52 -22.16
C GLN A 149 21.76 13.62 -22.98
N TYR A 150 20.67 12.97 -22.54
CA TYR A 150 19.39 13.17 -23.20
C TYR A 150 18.96 14.61 -22.97
N GLN A 151 18.97 15.39 -24.04
CA GLN A 151 18.76 16.83 -23.90
C GLN A 151 17.38 17.11 -23.32
N GLY A 152 17.36 17.91 -22.26
CA GLY A 152 16.13 18.44 -21.74
C GLY A 152 15.35 17.52 -20.82
N ILE A 153 15.79 16.29 -20.61
CA ILE A 153 14.99 15.42 -19.76
C ILE A 153 15.18 15.78 -18.28
N MET A 154 16.42 16.04 -17.84
CA MET A 154 16.64 16.48 -16.47
C MET A 154 15.95 17.83 -16.21
N GLU A 155 15.84 18.68 -17.23
CA GLU A 155 15.15 19.95 -17.04
C GLU A 155 13.64 19.75 -16.89
N THR A 156 13.07 18.80 -17.63
CA THR A 156 11.67 18.45 -17.44
C THR A 156 11.42 17.86 -16.07
N VAL A 157 12.26 16.91 -15.67
CA VAL A 157 12.16 16.32 -14.33
C VAL A 157 12.20 17.41 -13.26
N ARG A 158 13.17 18.34 -13.37
CA ARG A 158 13.32 19.39 -12.35
C ARG A 158 12.06 20.23 -12.25
N ILE A 159 11.48 20.63 -13.38
CA ILE A 159 10.25 21.43 -13.38
C ILE A 159 9.12 20.65 -12.72
N LEU A 160 8.90 19.42 -13.14
CA LEU A 160 7.81 18.62 -12.58
C LEU A 160 7.99 18.44 -11.07
N LEU A 161 9.20 18.08 -10.63
CA LEU A 161 9.43 17.88 -9.20
C LEU A 161 9.26 19.16 -8.39
N TYR A 162 9.85 20.26 -8.84
CA TYR A 162 10.07 21.40 -7.96
C TYR A 162 9.10 22.55 -8.20
N GLU A 163 8.47 22.61 -9.36
CA GLU A 163 7.51 23.66 -9.67
C GLU A 163 6.10 23.13 -9.87
N THR A 164 5.92 22.09 -10.69
CA THR A 164 4.59 21.58 -10.98
C THR A 164 3.99 20.81 -9.79
N CYS A 165 4.73 19.86 -9.23
CA CYS A 165 4.21 19.04 -8.13
C CYS A 165 3.72 19.85 -6.92
N PRO A 166 4.47 20.84 -6.40
CA PRO A 166 4.00 21.51 -5.18
C PRO A 166 2.69 22.26 -5.36
N ARG A 167 2.47 22.91 -6.50
CA ARG A 167 1.18 23.57 -6.69
C ARG A 167 0.09 22.55 -7.00
N TYR A 168 0.42 21.45 -7.69
CA TYR A 168 -0.56 20.38 -7.84
C TYR A 168 -0.98 19.85 -6.48
N LEU A 169 0.00 19.53 -5.64
CA LEU A 169 -0.31 18.98 -4.31
C LEU A 169 -1.24 19.90 -3.53
N LEU A 170 -0.91 21.19 -3.46
CA LEU A 170 -1.76 22.12 -2.70
C LEU A 170 -3.16 22.18 -3.29
N GLY A 171 -3.25 22.27 -4.62
CA GLY A 171 -4.55 22.42 -5.23
C GLY A 171 -5.42 21.18 -5.07
N VAL A 172 -4.79 19.99 -5.07
CA VAL A 172 -5.58 18.77 -4.96
C VAL A 172 -5.94 18.49 -3.51
N LEU A 173 -5.11 18.86 -2.54
CA LEU A 173 -5.50 18.68 -1.14
C LEU A 173 -6.67 19.58 -0.79
N ASN A 174 -6.66 20.81 -1.31
CA ASN A 174 -7.80 21.70 -1.13
C ASN A 174 -9.05 21.19 -1.85
N ALA A 175 -8.90 20.81 -3.12
CA ALA A 175 -10.05 20.33 -3.88
C ALA A 175 -10.67 19.11 -3.25
N GLY A 176 -9.88 18.24 -2.66
CA GLY A 176 -10.37 17.00 -2.13
C GLY A 176 -10.78 16.98 -0.67
N LYS A 177 -10.84 18.14 0.00
CA LYS A 177 -10.87 18.16 1.46
C LYS A 177 -12.08 17.45 2.04
N ALA A 178 -13.26 17.58 1.42
CA ALA A 178 -14.44 16.92 1.96
C ALA A 178 -14.19 15.42 2.14
N ASP A 179 -13.46 14.79 1.23
CA ASP A 179 -13.13 13.39 1.35
C ASP A 179 -11.88 13.15 2.19
N LEU A 180 -10.86 13.98 2.01
CA LEU A 180 -9.56 13.74 2.61
C LEU A 180 -9.51 14.13 4.08
N GLN A 181 -10.40 15.00 4.55
CA GLN A 181 -10.45 15.39 5.95
C GLN A 181 -11.69 14.88 6.67
N ARG A 182 -12.44 13.97 6.06
CA ARG A 182 -13.52 13.32 6.78
C ARG A 182 -12.97 12.49 7.95
N GLN A 183 -13.85 12.21 8.90
CA GLN A 183 -13.51 11.42 10.08
C GLN A 183 -14.46 10.25 10.14
N VAL A 184 -13.92 9.03 10.17
CA VAL A 184 -14.73 7.82 10.20
C VAL A 184 -14.36 7.04 11.44
N LYS A 185 -15.37 6.71 12.26
CA LYS A 185 -15.17 6.09 13.57
C LYS A 185 -14.92 4.59 13.40
N PRO A 186 -13.92 4.04 14.07
CA PRO A 186 -13.70 2.58 14.02
C PRO A 186 -14.75 1.79 14.79
N GLU A 187 -14.90 0.54 14.37
CA GLU A 187 -15.45 -0.52 15.19
C GLU A 187 -14.31 -1.24 15.91
N ALA A 188 -14.61 -1.75 17.10
CA ALA A 188 -13.60 -2.50 17.82
C ALA A 188 -14.25 -3.70 18.50
N TRP A 189 -13.49 -4.78 18.58
CA TRP A 189 -13.96 -6.01 19.21
C TRP A 189 -12.75 -6.81 19.65
N LEU A 190 -12.99 -7.82 20.48
CA LEU A 190 -11.93 -8.59 21.13
C LEU A 190 -12.00 -10.04 20.68
N SER A 191 -10.84 -10.70 20.65
CA SER A 191 -10.80 -12.14 20.52
C SER A 191 -9.61 -12.66 21.29
N SER A 192 -9.49 -13.98 21.33
CA SER A 192 -8.41 -14.60 22.07
C SER A 192 -7.95 -15.83 21.32
N GLY A 193 -6.74 -16.25 21.66
CA GLY A 193 -6.13 -17.40 21.05
C GLY A 193 -5.01 -17.96 21.90
N PRO A 194 -4.64 -19.20 21.65
CA PRO A 194 -3.48 -19.75 22.35
C PRO A 194 -2.22 -19.11 21.80
N SER A 195 -1.29 -18.81 22.69
CA SER A 195 -0.02 -18.29 22.23
C SER A 195 1.06 -19.34 22.40
N PRO A 196 2.13 -19.26 21.62
CA PRO A 196 3.20 -20.25 21.74
C PRO A 196 3.90 -20.14 23.09
N GLY A 197 3.72 -21.14 23.94
CA GLY A 197 4.40 -21.17 25.21
C GLY A 197 3.49 -21.55 26.34
N PRO A 198 4.06 -22.19 27.36
CA PRO A 198 3.26 -22.82 28.42
C PRO A 198 2.41 -21.80 29.16
N GLY A 199 1.19 -22.21 29.49
CA GLY A 199 0.30 -21.40 30.30
C GLY A 199 0.12 -19.97 29.81
N ARG A 200 0.45 -19.71 28.55
CA ARG A 200 0.32 -18.39 27.98
C ARG A 200 -0.98 -18.31 27.17
N LEU A 201 -1.27 -17.12 26.67
CA LEU A 201 -2.56 -16.83 26.07
C LEU A 201 -2.45 -15.52 25.31
N GLN A 202 -2.99 -15.45 24.10
CA GLN A 202 -2.91 -14.23 23.29
C GLN A 202 -4.28 -13.57 23.25
N LEU A 203 -4.37 -12.33 23.75
CA LEU A 203 -5.57 -11.54 23.59
C LEU A 203 -5.41 -10.64 22.38
N VAL A 204 -6.49 -10.44 21.63
CA VAL A 204 -6.45 -9.65 20.40
C VAL A 204 -7.50 -8.56 20.47
N CYS A 205 -7.07 -7.33 20.23
CA CYS A 205 -7.97 -6.18 20.11
C CYS A 205 -8.02 -5.76 18.65
N HIS A 206 -9.18 -5.94 18.01
CA HIS A 206 -9.35 -5.62 16.60
C HIS A 206 -9.94 -4.22 16.48
N VAL A 207 -9.43 -3.44 15.53
CA VAL A 207 -9.89 -2.07 15.31
C VAL A 207 -10.04 -1.84 13.81
N SER A 208 -11.23 -1.49 13.37
CA SER A 208 -11.58 -1.63 11.96
C SER A 208 -12.49 -0.50 11.47
N GLY A 209 -12.15 0.07 10.33
CA GLY A 209 -13.02 1.04 9.68
C GLY A 209 -12.70 2.49 9.98
N PHE A 210 -11.52 2.78 10.48
CA PHE A 210 -11.18 4.15 10.82
C PHE A 210 -10.50 4.86 9.67
N TYR A 211 -10.68 6.18 9.64
CA TYR A 211 -10.03 7.12 8.74
C TYR A 211 -10.06 8.47 9.45
N PRO A 212 -8.99 9.25 9.46
CA PRO A 212 -7.67 9.03 8.83
C PRO A 212 -6.86 7.93 9.51
N LYS A 213 -5.68 7.68 8.97
CA LYS A 213 -4.88 6.49 9.30
C LYS A 213 -4.25 6.51 10.70
N PRO A 214 -3.75 7.63 11.22
CA PRO A 214 -3.17 7.61 12.58
C PRO A 214 -4.19 7.17 13.61
N VAL A 215 -3.80 6.21 14.43
CA VAL A 215 -4.67 5.62 15.42
C VAL A 215 -3.81 5.18 16.59
N TRP A 216 -4.39 5.16 17.79
CA TRP A 216 -3.70 4.74 19.00
C TRP A 216 -4.48 3.60 19.63
N VAL A 217 -3.83 2.47 19.87
CA VAL A 217 -4.51 1.35 20.50
C VAL A 217 -3.53 0.65 21.45
N MET A 218 -3.97 0.43 22.69
CA MET A 218 -3.13 -0.25 23.67
C MET A 218 -3.97 -1.12 24.58
N TRP A 219 -3.39 -2.25 24.95
CA TRP A 219 -3.90 -3.00 26.08
C TRP A 219 -3.56 -2.25 27.37
N MET A 220 -4.51 -2.26 28.32
CA MET A 220 -4.41 -1.47 29.54
C MET A 220 -4.81 -2.32 30.74
N ARG A 221 -4.22 -2.00 31.89
CA ARG A 221 -4.75 -2.39 33.20
C ARG A 221 -5.06 -1.08 33.91
N GLY A 222 -6.33 -0.69 33.88
CA GLY A 222 -6.69 0.62 34.39
C GLY A 222 -5.98 1.69 33.58
N GLU A 223 -5.26 2.56 34.25
CA GLU A 223 -4.50 3.62 33.60
C GLU A 223 -3.11 3.18 33.18
N GLN A 224 -2.72 1.92 33.45
CA GLN A 224 -1.38 1.44 33.12
C GLN A 224 -1.37 0.85 31.72
N GLU A 225 -0.75 1.57 30.78
CA GLU A 225 -0.53 1.01 29.45
C GLU A 225 0.31 -0.25 29.51
N GLN A 226 -0.19 -1.33 28.92
CA GLN A 226 0.61 -2.57 28.89
C GLN A 226 1.61 -2.46 27.74
N GLN A 227 2.86 -2.15 28.06
CA GLN A 227 3.82 -1.92 26.97
C GLN A 227 4.25 -3.21 26.28
N GLY A 228 3.84 -4.38 26.78
CA GLY A 228 3.97 -5.57 25.98
C GLY A 228 3.02 -5.67 24.78
N THR A 229 2.13 -4.68 24.60
CA THR A 229 1.23 -4.68 23.45
C THR A 229 2.01 -4.75 22.14
N GLN A 230 1.54 -5.59 21.21
CA GLN A 230 2.19 -5.71 19.91
C GLN A 230 1.18 -5.39 18.82
N LEU A 231 1.52 -4.44 17.95
CA LEU A 231 0.63 -4.02 16.87
C LEU A 231 0.97 -4.79 15.60
N GLY A 232 -0.07 -5.27 14.92
CA GLY A 232 0.08 -5.84 13.59
C GLY A 232 0.31 -4.75 12.55
N ASP A 233 0.35 -5.16 11.29
CA ASP A 233 0.31 -4.18 10.21
C ASP A 233 -1.05 -3.47 10.21
N ILE A 234 -1.04 -2.23 9.77
CA ILE A 234 -2.30 -1.52 9.48
C ILE A 234 -2.72 -1.91 8.08
N LEU A 235 -3.80 -2.68 7.95
CA LEU A 235 -4.24 -3.28 6.70
C LEU A 235 -5.38 -2.48 6.08
N PRO A 236 -5.42 -2.33 4.76
CA PRO A 236 -6.47 -1.51 4.14
C PRO A 236 -7.80 -2.24 4.00
N ASN A 237 -8.88 -1.47 4.12
CA ASN A 237 -10.15 -1.87 3.55
C ASN A 237 -10.33 -1.16 2.20
N ALA A 238 -11.33 -1.61 1.44
CA ALA A 238 -11.54 -1.03 0.12
C ALA A 238 -11.92 0.44 0.19
N ASN A 239 -12.74 0.83 1.16
CA ASN A 239 -13.42 2.14 1.15
C ASN A 239 -12.62 3.26 1.82
N TRP A 240 -11.30 3.32 1.62
CA TRP A 240 -10.43 4.30 2.29
C TRP A 240 -10.58 4.29 3.81
N THR A 241 -10.60 3.10 4.41
CA THR A 241 -10.36 2.93 5.84
C THR A 241 -9.34 1.82 6.05
N TRP A 242 -8.99 1.56 7.31
CA TRP A 242 -8.02 0.54 7.64
C TRP A 242 -8.50 -0.36 8.79
N TYR A 243 -7.75 -1.45 8.94
CA TYR A 243 -7.94 -2.49 9.94
C TYR A 243 -6.61 -2.71 10.65
N LEU A 244 -6.67 -2.91 11.97
CA LEU A 244 -5.46 -3.09 12.76
C LEU A 244 -5.80 -4.00 13.93
N ARG A 245 -4.87 -4.88 14.28
CA ARG A 245 -5.01 -5.66 15.50
C ARG A 245 -3.87 -5.34 16.45
N ALA A 246 -4.18 -5.31 17.74
CA ALA A 246 -3.20 -5.16 18.81
C ALA A 246 -3.30 -6.40 19.71
N THR A 247 -2.19 -7.08 19.92
CA THR A 247 -2.19 -8.32 20.64
C THR A 247 -1.39 -8.20 21.93
N LEU A 248 -1.71 -9.05 22.89
CA LEU A 248 -1.01 -9.10 24.16
C LEU A 248 -0.86 -10.55 24.59
N ASP A 249 0.39 -10.99 24.79
CA ASP A 249 0.66 -12.29 25.37
C ASP A 249 0.60 -12.19 26.89
N VAL A 250 -0.29 -12.95 27.50
CA VAL A 250 -0.55 -12.84 28.92
C VAL A 250 -0.58 -14.25 29.51
N ALA A 251 -0.09 -14.38 30.75
CA ALA A 251 -0.16 -15.66 31.43
C ALA A 251 -1.61 -16.04 31.66
N ASP A 252 -1.92 -17.32 31.41
CA ASP A 252 -3.23 -17.84 31.77
C ASP A 252 -3.44 -17.62 33.26
N GLY A 253 -4.56 -17.00 33.60
CA GLY A 253 -4.85 -16.64 34.96
C GLY A 253 -4.53 -15.22 35.32
N GLU A 254 -3.88 -14.49 34.42
CA GLU A 254 -3.56 -13.08 34.60
C GLU A 254 -4.29 -12.16 33.61
N ALA A 255 -5.26 -12.69 32.85
CA ALA A 255 -5.93 -11.88 31.84
C ALA A 255 -7.00 -10.96 32.41
N ALA A 256 -7.47 -11.22 33.62
CA ALA A 256 -8.50 -10.40 34.22
C ALA A 256 -7.95 -9.04 34.60
N GLY A 257 -8.78 -8.02 34.48
CA GLY A 257 -8.36 -6.66 34.68
C GLY A 257 -7.87 -5.96 33.42
N LEU A 258 -7.73 -6.68 32.30
CA LEU A 258 -7.25 -6.09 31.05
C LEU A 258 -8.38 -5.44 30.29
N SER A 259 -8.05 -4.32 29.65
CA SER A 259 -8.94 -3.66 28.71
C SER A 259 -8.13 -3.19 27.51
N CYS A 260 -8.83 -2.95 26.41
CA CYS A 260 -8.25 -2.37 25.20
C CYS A 260 -8.82 -0.98 25.00
N ARG A 261 -7.94 0.01 24.82
CA ARG A 261 -8.32 1.41 24.70
C ARG A 261 -7.90 1.94 23.34
N VAL A 262 -8.84 2.53 22.60
CA VAL A 262 -8.58 3.08 21.28
C VAL A 262 -8.75 4.58 21.32
N LYS A 263 -7.74 5.31 20.84
CA LYS A 263 -7.84 6.75 20.63
C LYS A 263 -7.78 7.03 19.12
N HIS A 264 -8.70 7.85 18.63
CA HIS A 264 -8.73 8.21 17.23
C HIS A 264 -9.37 9.58 17.11
N SER A 265 -8.86 10.37 16.16
CA SER A 265 -9.30 11.75 15.99
C SER A 265 -10.81 11.85 15.78
N SER A 266 -11.45 10.79 15.28
CA SER A 266 -12.88 10.78 15.02
C SER A 266 -13.73 10.68 16.28
N LEU A 267 -13.17 10.19 17.37
CA LEU A 267 -13.92 9.90 18.58
C LEU A 267 -14.16 11.13 19.47
N GLU A 268 -13.61 12.28 19.09
CA GLU A 268 -13.70 13.56 19.83
C GLU A 268 -13.44 13.38 21.33
N GLY A 269 -12.36 12.68 21.64
CA GLY A 269 -11.97 12.50 23.02
C GLY A 269 -12.63 11.37 23.76
N GLN A 270 -13.69 10.77 23.22
CA GLN A 270 -14.36 9.65 23.89
C GLN A 270 -13.75 8.35 23.40
N ASP A 271 -12.73 7.88 24.13
CA ASP A 271 -11.99 6.68 23.75
C ASP A 271 -12.90 5.46 23.72
N ILE A 272 -12.58 4.49 22.86
CA ILE A 272 -13.22 3.18 22.94
C ILE A 272 -12.50 2.36 24.01
N ILE A 273 -13.26 1.77 24.92
CA ILE A 273 -12.72 0.90 25.95
C ILE A 273 -13.51 -0.40 25.96
N LEU A 274 -12.85 -1.49 25.57
CA LEU A 274 -13.40 -2.83 25.66
C LEU A 274 -12.73 -3.52 26.84
N TYR A 275 -13.50 -4.29 27.59
CA TYR A 275 -12.99 -4.91 28.79
C TYR A 275 -12.93 -6.42 28.59
N TRP A 276 -11.76 -7.01 28.87
CA TRP A 276 -11.67 -8.46 28.84
C TRP A 276 -12.22 -9.02 30.15
N ARG A 277 -13.09 -10.01 30.05
CA ARG A 277 -13.71 -10.60 31.23
C ARG A 277 -13.27 -12.05 31.39
N GLY A 278 -12.83 -12.41 32.60
CA GLY A 278 -12.32 -13.73 32.91
C GLY A 278 -10.80 -13.80 32.90
N SER A 279 -10.26 -14.72 33.72
CA SER A 279 -8.82 -14.93 33.82
C SER A 279 -8.22 -15.68 32.63
N GLY A 280 -9.01 -16.55 32.00
CA GLY A 280 -8.48 -17.37 30.93
C GLY A 280 -9.28 -17.20 29.66
N LEU A 281 -9.19 -18.21 28.78
CA LEU A 281 -9.80 -18.24 27.44
C LEU A 281 -11.12 -17.47 27.35
N ASN A 282 -12.14 -17.97 28.04
CA ASN A 282 -13.38 -17.24 28.27
C ASN A 282 -14.09 -17.92 29.43
N ASP A 283 -13.53 -17.76 30.62
CA ASP A 283 -13.85 -18.57 31.79
C ASP A 283 -13.41 -20.01 31.57
N LYS B 2 18.20 -9.16 -8.97
CA LYS B 2 18.47 -8.70 -7.62
C LYS B 2 17.91 -9.58 -6.50
N ILE B 3 16.62 -9.45 -6.21
CA ILE B 3 15.98 -10.17 -5.13
C ILE B 3 14.61 -10.66 -5.58
N GLN B 4 14.15 -11.72 -4.91
CA GLN B 4 12.80 -12.25 -5.08
C GLN B 4 12.20 -12.49 -3.70
N ARG B 5 10.95 -12.08 -3.51
CA ARG B 5 10.34 -12.12 -2.19
C ARG B 5 8.96 -12.75 -2.29
N THR B 6 8.66 -13.66 -1.36
CA THR B 6 7.42 -14.40 -1.44
C THR B 6 6.29 -13.60 -0.78
N PRO B 7 5.07 -13.73 -1.28
CA PRO B 7 3.97 -12.91 -0.74
C PRO B 7 3.62 -13.30 0.69
N LYS B 8 3.47 -12.29 1.53
CA LYS B 8 2.70 -12.40 2.76
C LYS B 8 1.21 -12.35 2.41
N ILE B 9 0.41 -13.16 3.09
CA ILE B 9 -1.01 -13.27 2.74
C ILE B 9 -1.82 -13.18 4.03
N GLN B 10 -2.58 -12.09 4.17
CA GLN B 10 -3.42 -11.87 5.34
C GLN B 10 -4.88 -11.77 4.91
N VAL B 11 -5.73 -12.61 5.51
CA VAL B 11 -7.16 -12.65 5.21
C VAL B 11 -7.91 -12.16 6.45
N TYR B 12 -8.87 -11.26 6.23
CA TYR B 12 -9.57 -10.62 7.35
C TYR B 12 -10.88 -10.04 6.83
N SER B 13 -11.86 -9.94 7.72
CA SER B 13 -13.17 -9.45 7.34
C SER B 13 -13.30 -7.98 7.71
N ARG B 14 -14.08 -7.26 6.92
CA ARG B 14 -14.31 -5.84 7.17
C ARG B 14 -14.89 -5.62 8.56
N HIS B 15 -15.94 -6.35 8.90
CA HIS B 15 -16.63 -6.26 10.18
C HIS B 15 -16.45 -7.56 10.93
N PRO B 16 -16.60 -7.53 12.26
CA PRO B 16 -16.52 -8.79 13.01
C PRO B 16 -17.52 -9.78 12.46
N ALA B 17 -17.14 -11.06 12.47
CA ALA B 17 -17.90 -12.10 11.79
C ALA B 17 -19.13 -12.47 12.61
N GLU B 18 -20.30 -12.07 12.13
CA GLU B 18 -21.57 -12.49 12.70
C GLU B 18 -22.23 -13.43 11.71
N ASN B 19 -22.53 -14.65 12.16
CA ASN B 19 -23.19 -15.62 11.31
C ASN B 19 -24.47 -15.05 10.72
N GLY B 20 -24.62 -15.21 9.42
CA GLY B 20 -25.79 -14.72 8.72
C GLY B 20 -25.72 -13.28 8.26
N LYS B 21 -24.86 -12.46 8.87
CA LYS B 21 -24.77 -11.05 8.53
C LYS B 21 -23.77 -10.83 7.40
N SER B 22 -24.23 -10.15 6.34
CA SER B 22 -23.37 -9.80 5.23
C SER B 22 -22.16 -8.98 5.70
N ASN B 23 -21.07 -9.08 4.96
CA ASN B 23 -19.77 -8.57 5.41
C ASN B 23 -18.87 -8.44 4.18
N PHE B 24 -17.60 -8.13 4.41
CA PHE B 24 -16.64 -8.13 3.31
C PHE B 24 -15.44 -8.96 3.73
N LEU B 25 -14.90 -9.69 2.76
CA LEU B 25 -13.73 -10.53 2.96
C LEU B 25 -12.58 -9.89 2.20
N ASN B 26 -11.51 -9.57 2.92
CA ASN B 26 -10.33 -8.95 2.34
C ASN B 26 -9.18 -9.93 2.32
N CYS B 27 -8.44 -9.95 1.21
CA CYS B 27 -7.16 -10.63 1.14
C CYS B 27 -6.08 -9.62 0.75
N TYR B 28 -5.09 -9.48 1.60
CA TYR B 28 -4.03 -8.50 1.44
C TYR B 28 -2.75 -9.26 1.18
N VAL B 29 -2.21 -9.10 -0.02
CA VAL B 29 -1.03 -9.82 -0.48
C VAL B 29 0.07 -8.79 -0.62
N SER B 30 1.15 -8.97 0.14
CA SER B 30 2.13 -7.91 0.34
C SER B 30 3.53 -8.49 0.42
N GLY B 31 4.50 -7.58 0.36
CA GLY B 31 5.87 -7.98 0.54
C GLY B 31 6.47 -8.88 -0.54
N PHE B 32 5.89 -8.91 -1.75
CA PHE B 32 6.41 -9.80 -2.78
C PHE B 32 7.17 -9.05 -3.87
N HIS B 33 7.97 -9.82 -4.62
CA HIS B 33 8.76 -9.33 -5.75
C HIS B 33 9.21 -10.55 -6.54
N PRO B 34 8.99 -10.60 -7.86
CA PRO B 34 8.52 -9.52 -8.75
C PRO B 34 7.01 -9.33 -8.73
N SER B 35 6.49 -8.39 -9.53
CA SER B 35 5.09 -7.99 -9.43
C SER B 35 4.14 -9.04 -9.98
N ASP B 36 4.61 -9.94 -10.85
CA ASP B 36 3.75 -10.94 -11.47
C ASP B 36 3.11 -11.83 -10.40
N ILE B 37 1.77 -11.87 -10.36
CA ILE B 37 1.08 -12.65 -9.34
C ILE B 37 -0.32 -12.97 -9.83
N GLU B 38 -0.93 -14.00 -9.24
CA GLU B 38 -2.32 -14.36 -9.46
C GLU B 38 -2.96 -14.63 -8.10
N VAL B 39 -4.17 -14.13 -7.91
CA VAL B 39 -4.86 -14.29 -6.64
C VAL B 39 -6.30 -14.63 -6.94
N ASP B 40 -6.85 -15.59 -6.19
CA ASP B 40 -8.28 -15.89 -6.17
C ASP B 40 -8.79 -15.90 -4.74
N LEU B 41 -10.01 -15.41 -4.55
CA LEU B 41 -10.74 -15.66 -3.31
C LEU B 41 -11.58 -16.91 -3.51
N LEU B 42 -11.72 -17.70 -2.44
CA LEU B 42 -12.31 -19.02 -2.53
C LEU B 42 -13.48 -19.16 -1.58
N LYS B 43 -14.62 -19.68 -2.09
CA LYS B 43 -15.74 -20.10 -1.26
C LYS B 43 -15.81 -21.62 -1.28
N ASN B 44 -15.45 -22.25 -0.16
CA ASN B 44 -15.51 -23.71 0.01
C ASN B 44 -14.62 -24.45 -0.98
N GLY B 45 -13.58 -23.79 -1.46
CA GLY B 45 -12.69 -24.37 -2.45
C GLY B 45 -12.96 -23.92 -3.87
N GLU B 46 -14.09 -23.25 -4.11
CA GLU B 46 -14.45 -22.78 -5.43
C GLU B 46 -14.12 -21.29 -5.57
N ARG B 47 -13.51 -20.94 -6.69
CA ARG B 47 -13.10 -19.56 -6.92
C ARG B 47 -14.31 -18.63 -6.97
N ILE B 48 -14.39 -17.72 -5.99
CA ILE B 48 -15.38 -16.64 -6.06
C ILE B 48 -15.14 -15.81 -7.31
N GLU B 49 -16.22 -15.49 -8.01
CA GLU B 49 -16.09 -14.77 -9.28
C GLU B 49 -16.33 -13.27 -9.16
N LYS B 50 -16.96 -12.80 -8.09
CA LYS B 50 -17.24 -11.37 -7.92
C LYS B 50 -16.18 -10.74 -7.01
N VAL B 51 -14.97 -10.63 -7.56
CA VAL B 51 -13.81 -10.22 -6.78
C VAL B 51 -13.25 -8.94 -7.35
N GLU B 52 -13.08 -7.94 -6.50
CA GLU B 52 -12.46 -6.67 -6.87
C GLU B 52 -11.05 -6.61 -6.30
N HIS B 53 -10.18 -5.84 -6.96
CA HIS B 53 -8.82 -5.71 -6.47
C HIS B 53 -8.28 -4.33 -6.80
N SER B 54 -7.28 -3.92 -6.02
CA SER B 54 -6.67 -2.61 -6.17
C SER B 54 -5.68 -2.63 -7.33
N ASP B 55 -5.30 -1.43 -7.80
CA ASP B 55 -4.19 -1.36 -8.74
C ASP B 55 -2.89 -1.63 -7.99
N LEU B 56 -1.89 -2.09 -8.73
CA LEU B 56 -0.63 -2.49 -8.13
C LEU B 56 0.06 -1.32 -7.43
N SER B 57 0.61 -1.59 -6.26
CA SER B 57 1.36 -0.57 -5.54
C SER B 57 2.57 -1.24 -4.90
N PHE B 58 3.37 -0.45 -4.20
CA PHE B 58 4.51 -1.06 -3.55
C PHE B 58 4.92 -0.19 -2.37
N SER B 59 5.61 -0.80 -1.42
CA SER B 59 5.93 -0.10 -0.18
C SER B 59 7.34 0.51 -0.24
N LYS B 60 7.78 1.01 0.91
CA LYS B 60 9.01 1.77 1.03
C LYS B 60 10.23 0.96 0.61
N ASP B 61 10.19 -0.37 0.75
CA ASP B 61 11.32 -1.20 0.36
C ASP B 61 11.15 -1.80 -1.03
N TRP B 62 10.28 -1.20 -1.85
CA TRP B 62 9.93 -1.59 -3.21
C TRP B 62 9.14 -2.90 -3.32
N SER B 63 8.74 -3.52 -2.21
CA SER B 63 7.93 -4.73 -2.27
C SER B 63 6.50 -4.40 -2.68
N PHE B 64 5.91 -5.26 -3.51
CA PHE B 64 4.59 -4.97 -4.05
C PHE B 64 3.48 -5.35 -3.04
N TYR B 65 2.30 -4.74 -3.22
CA TYR B 65 1.14 -5.13 -2.43
C TYR B 65 -0.14 -4.89 -3.20
N LEU B 66 -1.13 -5.76 -2.94
CA LEU B 66 -2.46 -5.70 -3.56
C LEU B 66 -3.52 -6.07 -2.55
N LEU B 67 -4.69 -5.47 -2.71
CA LEU B 67 -5.85 -5.79 -1.90
C LEU B 67 -6.90 -6.45 -2.80
N TYR B 68 -7.37 -7.63 -2.40
CA TYR B 68 -8.49 -8.30 -3.03
C TYR B 68 -9.65 -8.35 -2.05
N TYR B 69 -10.87 -8.22 -2.55
CA TYR B 69 -11.95 -8.19 -1.59
C TYR B 69 -13.24 -8.60 -2.27
N THR B 70 -14.14 -9.16 -1.47
CA THR B 70 -15.44 -9.56 -1.94
C THR B 70 -16.43 -9.44 -0.78
N GLU B 71 -17.64 -9.02 -1.10
CA GLU B 71 -18.72 -9.12 -0.14
C GLU B 71 -18.98 -10.60 0.11
N PHE B 72 -19.31 -10.94 1.34
CA PHE B 72 -19.69 -12.32 1.61
C PHE B 72 -20.64 -12.33 2.79
N THR B 73 -21.22 -13.50 3.02
CA THR B 73 -22.10 -13.74 4.16
C THR B 73 -21.55 -14.96 4.88
N PRO B 74 -20.84 -14.78 5.99
CA PRO B 74 -20.31 -15.94 6.71
C PRO B 74 -21.44 -16.77 7.30
N THR B 75 -21.25 -18.09 7.26
CA THR B 75 -22.05 -19.06 7.99
C THR B 75 -21.12 -19.88 8.87
N GLU B 76 -21.69 -20.64 9.80
CA GLU B 76 -20.88 -21.54 10.59
C GLU B 76 -20.35 -22.72 9.78
N LYS B 77 -20.96 -22.98 8.62
CA LYS B 77 -20.63 -24.15 7.81
C LYS B 77 -19.74 -23.84 6.61
N ASP B 78 -19.54 -22.58 6.26
CA ASP B 78 -18.78 -22.24 5.05
C ASP B 78 -17.34 -21.88 5.38
N GLU B 79 -16.46 -22.12 4.43
CA GLU B 79 -15.04 -21.83 4.55
C GLU B 79 -14.64 -20.89 3.44
N TYR B 80 -13.76 -19.94 3.77
CA TYR B 80 -13.30 -18.92 2.83
C TYR B 80 -11.78 -18.82 2.89
N ALA B 81 -11.17 -18.55 1.74
CA ALA B 81 -9.72 -18.55 1.67
C ALA B 81 -9.23 -17.71 0.50
N CYS B 82 -7.95 -17.39 0.57
CA CYS B 82 -7.23 -16.63 -0.44
C CYS B 82 -6.20 -17.56 -1.05
N ARG B 83 -6.22 -17.67 -2.38
CA ARG B 83 -5.29 -18.54 -3.10
C ARG B 83 -4.35 -17.69 -3.93
N VAL B 84 -3.05 -17.91 -3.77
CA VAL B 84 -2.02 -17.06 -4.35
C VAL B 84 -1.00 -17.93 -5.07
N ASN B 85 -0.67 -17.58 -6.31
CA ASN B 85 0.47 -18.18 -6.98
C ASN B 85 1.43 -17.09 -7.43
N HIS B 86 2.71 -17.44 -7.45
CA HIS B 86 3.80 -16.49 -7.62
C HIS B 86 5.04 -17.32 -7.94
N VAL B 87 5.99 -16.69 -8.63
CA VAL B 87 7.21 -17.38 -9.02
C VAL B 87 7.93 -17.95 -7.82
N THR B 88 7.71 -17.39 -6.62
CA THR B 88 8.34 -17.94 -5.43
C THR B 88 7.57 -19.11 -4.85
N LEU B 89 6.47 -19.52 -5.46
CA LEU B 89 5.64 -20.61 -4.97
C LEU B 89 5.57 -21.69 -6.03
N SER B 90 5.89 -22.93 -5.64
CA SER B 90 5.77 -24.04 -6.58
C SER B 90 4.31 -24.38 -6.84
N GLN B 91 3.49 -24.36 -5.78
CA GLN B 91 2.07 -24.58 -5.89
C GLN B 91 1.33 -23.38 -5.32
N PRO B 92 0.15 -23.05 -5.84
CA PRO B 92 -0.64 -21.97 -5.24
C PRO B 92 -0.86 -22.21 -3.75
N LYS B 93 -0.53 -21.20 -2.96
CA LYS B 93 -0.68 -21.25 -1.52
C LYS B 93 -2.09 -20.82 -1.12
N ILE B 94 -2.69 -21.55 -0.18
CA ILE B 94 -4.05 -21.28 0.29
C ILE B 94 -3.98 -20.83 1.74
N VAL B 95 -4.54 -19.65 2.01
CA VAL B 95 -4.62 -19.09 3.36
C VAL B 95 -6.10 -18.93 3.70
N LYS B 96 -6.57 -19.73 4.65
CA LYS B 96 -7.99 -19.71 4.99
C LYS B 96 -8.29 -18.60 5.99
N TRP B 97 -9.49 -18.06 5.87
CA TRP B 97 -9.90 -16.99 6.79
C TRP B 97 -10.19 -17.57 8.17
N ASP B 98 -9.60 -16.97 9.20
CA ASP B 98 -9.78 -17.41 10.58
C ASP B 98 -10.38 -16.25 11.36
N ARG B 99 -11.68 -16.34 11.64
CA ARG B 99 -12.33 -15.34 12.50
C ARG B 99 -11.90 -15.53 13.95
#